data_9DQS
#
_entry.id   9DQS
#
_cell.length_a   42.241
_cell.length_b   53.390
_cell.length_c   109.802
_cell.angle_alpha   90.00
_cell.angle_beta   90.00
_cell.angle_gamma   90.00
#
_symmetry.space_group_name_H-M   'P 2 21 21'
#
loop_
_entity.id
_entity.type
_entity.pdbx_description
1 polymer 'ATP-dependent DNA helicase'
2 water water
#
_entity_poly.entity_id   1
_entity_poly.type   'polypeptide(L)'
_entity_poly.pdbx_seq_one_letter_code
;SMVLQPGDRVTHDKYGLGRVEEVAGTGESAMSLIDFGSAGRVKLMHNHAPLQKL
;
_entity_poly.pdbx_strand_id   A,B,C,D,E
#
# COMPACT_ATOMS: atom_id res chain seq x y z
N SER A 1 1.20 11.91 -0.10
CA SER A 1 1.16 13.39 0.10
C SER A 1 1.43 13.71 1.57
N MET A 2 0.36 13.83 2.37
CA MET A 2 0.48 14.04 3.82
C MET A 2 1.36 12.92 4.37
N VAL A 3 2.53 13.29 4.88
CA VAL A 3 3.43 12.34 5.50
C VAL A 3 3.38 12.57 7.01
N LEU A 4 3.03 11.51 7.74
CA LEU A 4 2.93 11.53 9.19
C LEU A 4 4.07 10.72 9.78
N GLN A 5 4.39 11.04 11.05
CA GLN A 5 5.42 10.33 11.77
C GLN A 5 4.97 10.22 13.23
N PRO A 6 5.41 9.17 13.95
CA PRO A 6 5.07 9.01 15.36
C PRO A 6 5.35 10.29 16.13
N GLY A 7 4.37 10.74 16.91
CA GLY A 7 4.53 11.92 17.74
C GLY A 7 3.77 13.13 17.19
N ASP A 8 3.52 13.12 15.87
CA ASP A 8 2.72 14.15 15.23
C ASP A 8 1.31 14.14 15.80
N ARG A 9 0.75 15.35 15.98
CA ARG A 9 -0.62 15.55 16.43
C ARG A 9 -1.51 15.99 15.27
N VAL A 10 -2.74 15.49 15.25
CA VAL A 10 -3.63 15.73 14.14
C VAL A 10 -5.02 16.02 14.66
N THR A 11 -5.87 16.52 13.77
CA THR A 11 -7.27 16.67 14.10
C THR A 11 -8.12 15.93 13.07
N HIS A 12 -9.00 15.07 13.58
CA HIS A 12 -9.99 14.37 12.78
C HIS A 12 -11.31 15.15 12.89
N ASP A 13 -11.94 15.34 11.73
CA ASP A 13 -13.19 16.08 11.66
C ASP A 13 -14.30 15.31 12.36
N LYS A 14 -14.06 14.06 12.78
CA LYS A 14 -15.02 13.26 13.53
C LYS A 14 -14.48 12.87 14.91
N TYR A 15 -13.23 12.44 15.03
CA TYR A 15 -12.73 11.93 16.30
C TYR A 15 -12.01 13.03 17.09
N GLY A 16 -11.75 14.19 16.46
CA GLY A 16 -11.06 15.29 17.10
C GLY A 16 -9.55 15.07 17.17
N LEU A 17 -8.94 15.43 18.32
CA LEU A 17 -7.49 15.41 18.48
C LEU A 17 -7.01 13.99 18.77
N GLY A 18 -5.91 13.62 18.10
CA GLY A 18 -5.20 12.37 18.38
C GLY A 18 -3.69 12.53 18.18
N ARG A 19 -2.92 11.57 18.70
CA ARG A 19 -1.46 11.57 18.58
C ARG A 19 -1.05 10.37 17.73
N VAL A 20 -0.24 10.61 16.70
CA VAL A 20 0.19 9.52 15.85
C VAL A 20 1.15 8.66 16.67
N GLU A 21 0.92 7.34 16.65
CA GLU A 21 1.68 6.41 17.48
C GLU A 21 2.53 5.51 16.59
N GLU A 22 1.99 5.16 15.42
CA GLU A 22 2.67 4.31 14.45
C GLU A 22 2.30 4.78 13.05
N VAL A 23 3.14 4.44 12.08
CA VAL A 23 2.87 4.74 10.68
C VAL A 23 3.48 3.65 9.80
N ALA A 24 2.68 3.11 8.90
CA ALA A 24 3.13 2.07 8.01
C ALA A 24 2.94 2.51 6.57
N GLY A 25 3.69 1.88 5.67
CA GLY A 25 3.54 2.14 4.24
C GLY A 25 4.08 3.52 3.89
N THR A 26 3.70 3.98 2.70
CA THR A 26 4.17 5.25 2.14
C THR A 26 3.08 5.80 1.23
N GLY A 27 3.24 7.04 0.80
CA GLY A 27 2.34 7.60 -0.21
C GLY A 27 0.89 7.63 0.24
N GLU A 28 -0.04 7.55 -0.73
CA GLU A 28 -1.46 7.77 -0.49
C GLU A 28 -2.06 6.66 0.38
N SER A 29 -1.42 5.49 0.40
CA SER A 29 -2.01 4.30 1.04
C SER A 29 -1.35 4.04 2.38
N ALA A 30 -0.59 5.00 2.89
CA ALA A 30 0.07 4.84 4.18
C ALA A 30 -0.98 4.74 5.29
N MET A 31 -0.71 3.92 6.31
CA MET A 31 -1.63 3.72 7.41
C MET A 31 -1.05 4.36 8.68
N SER A 32 -1.94 4.78 9.58
CA SER A 32 -1.53 5.40 10.83
C SER A 32 -2.32 4.77 11.96
N LEU A 33 -1.64 4.51 13.06
CA LEU A 33 -2.34 4.24 14.29
C LEU A 33 -2.38 5.55 15.09
N ILE A 34 -3.58 6.06 15.35
CA ILE A 34 -3.73 7.32 16.07
C ILE A 34 -4.54 7.13 17.34
N ASP A 35 -3.95 7.48 18.48
CA ASP A 35 -4.67 7.47 19.73
C ASP A 35 -5.46 8.76 19.80
N PHE A 36 -6.77 8.61 19.85
CA PHE A 36 -7.65 9.73 20.15
C PHE A 36 -8.04 9.65 21.64
N ALA A 39 -12.81 7.72 22.10
CA ALA A 39 -12.78 7.15 20.72
C ALA A 39 -11.66 6.14 20.53
N GLY A 40 -10.52 6.37 21.21
CA GLY A 40 -9.50 5.35 21.38
C GLY A 40 -8.50 5.26 20.22
N ARG A 41 -7.69 4.19 20.23
CA ARG A 41 -6.73 3.94 19.17
C ARG A 41 -7.42 3.46 17.90
N VAL A 42 -7.16 4.15 16.79
CA VAL A 42 -7.80 3.88 15.52
C VAL A 42 -6.75 3.83 14.42
N LYS A 43 -6.64 2.67 13.75
CA LYS A 43 -5.78 2.51 12.59
C LYS A 43 -6.51 3.00 11.35
N LEU A 44 -5.90 3.96 10.63
CA LEU A 44 -6.52 4.70 9.53
C LEU A 44 -5.58 4.72 8.32
N MET A 45 -6.11 5.26 7.22
CA MET A 45 -5.32 5.56 6.03
C MET A 45 -5.48 7.05 5.76
N HIS A 46 -4.47 7.83 6.17
CA HIS A 46 -4.66 9.23 6.53
C HIS A 46 -4.84 10.13 5.31
N ASN A 47 -4.37 9.66 4.14
CA ASN A 47 -4.51 10.43 2.91
C ASN A 47 -5.94 10.29 2.39
N HIS A 48 -6.71 9.35 2.95
CA HIS A 48 -8.11 9.18 2.60
C HIS A 48 -9.01 9.51 3.79
N ALA A 49 -8.66 10.54 4.56
CA ALA A 49 -9.40 10.83 5.79
C ALA A 49 -9.47 12.34 6.00
N PRO A 50 -10.55 12.85 6.63
CA PRO A 50 -10.65 14.26 6.97
C PRO A 50 -9.75 14.59 8.16
N LEU A 51 -8.44 14.56 7.89
CA LEU A 51 -7.39 14.76 8.86
C LEU A 51 -6.59 16.01 8.47
N GLN A 52 -6.19 16.76 9.49
CA GLN A 52 -5.21 17.81 9.30
C GLN A 52 -4.04 17.58 10.25
N LYS A 53 -2.83 17.84 9.74
CA LYS A 53 -1.64 17.92 10.58
C LYS A 53 -1.70 19.23 11.36
N LEU A 54 -1.34 19.19 12.64
CA LEU A 54 -1.07 20.40 13.40
C LEU A 54 0.43 20.75 13.30
N MET B 2 -9.85 -13.47 13.05
CA MET B 2 -9.80 -12.63 11.81
C MET B 2 -9.34 -11.21 12.15
N VAL B 3 -8.26 -10.78 11.50
CA VAL B 3 -7.67 -9.46 11.68
C VAL B 3 -7.82 -8.65 10.40
N LEU B 4 -8.20 -7.38 10.53
CA LEU B 4 -8.53 -6.52 9.41
C LEU B 4 -7.66 -5.25 9.41
N GLN B 5 -7.18 -4.87 8.22
CA GLN B 5 -6.38 -3.66 8.01
C GLN B 5 -7.11 -2.76 7.04
N PRO B 6 -7.05 -1.40 7.21
CA PRO B 6 -7.59 -0.49 6.20
C PRO B 6 -7.05 -0.86 4.83
N GLY B 7 -7.92 -0.89 3.80
CA GLY B 7 -7.52 -1.30 2.46
C GLY B 7 -7.92 -2.75 2.14
N ASP B 8 -8.11 -3.56 3.18
CA ASP B 8 -8.53 -4.94 3.00
C ASP B 8 -9.94 -4.99 2.44
N ARG B 9 -10.21 -6.09 1.75
CA ARG B 9 -11.48 -6.29 1.06
C ARG B 9 -12.15 -7.52 1.67
N VAL B 10 -13.47 -7.41 1.89
CA VAL B 10 -14.21 -8.43 2.62
C VAL B 10 -15.57 -8.63 1.96
N THR B 11 -16.22 -9.74 2.31
CA THR B 11 -17.55 -10.02 1.80
C THR B 11 -18.48 -10.30 2.97
N HIS B 12 -19.60 -9.58 2.97
CA HIS B 12 -20.66 -9.71 3.95
C HIS B 12 -21.82 -10.44 3.29
N ASP B 13 -22.45 -11.38 4.02
CA ASP B 13 -23.51 -12.20 3.47
C ASP B 13 -24.62 -11.32 2.93
N LYS B 14 -24.87 -10.19 3.61
CA LYS B 14 -25.96 -9.30 3.27
C LYS B 14 -25.52 -8.15 2.36
N TYR B 15 -24.44 -7.45 2.71
CA TYR B 15 -24.16 -6.13 2.15
C TYR B 15 -23.22 -6.15 0.95
N GLY B 16 -22.59 -7.31 0.66
CA GLY B 16 -21.80 -7.50 -0.53
C GLY B 16 -20.32 -7.29 -0.25
N LEU B 17 -19.57 -6.83 -1.28
CA LEU B 17 -18.15 -6.57 -1.17
C LEU B 17 -17.90 -5.23 -0.45
N GLY B 18 -16.85 -5.19 0.38
CA GLY B 18 -16.57 -4.01 1.19
C GLY B 18 -15.08 -3.70 1.28
N ARG B 19 -14.73 -2.41 1.29
CA ARG B 19 -13.37 -2.00 1.57
C ARG B 19 -13.31 -1.52 3.02
N VAL B 20 -12.40 -2.11 3.80
CA VAL B 20 -12.21 -1.66 5.17
C VAL B 20 -11.53 -0.29 5.14
N GLU B 21 -12.05 0.63 5.95
CA GLU B 21 -11.54 1.99 5.93
C GLU B 21 -10.86 2.31 7.25
N GLU B 22 -11.35 1.75 8.36
CA GLU B 22 -10.84 2.05 9.67
C GLU B 22 -10.94 0.81 10.55
N VAL B 23 -10.04 0.69 11.53
CA VAL B 23 -10.05 -0.44 12.47
C VAL B 23 -9.63 0.04 13.87
N ALA B 24 -10.24 -0.55 14.89
CA ALA B 24 -10.08 -0.08 16.25
C ALA B 24 -10.41 -1.20 17.23
N GLY B 25 -9.51 -1.39 18.21
CA GLY B 25 -9.61 -2.47 19.17
C GLY B 25 -8.80 -3.66 18.70
N THR B 26 -8.93 -4.78 19.41
CA THR B 26 -8.12 -5.96 19.14
C THR B 26 -8.90 -7.23 19.45
N GLY B 27 -8.56 -8.29 18.68
CA GLY B 27 -9.21 -9.57 18.84
C GLY B 27 -10.67 -9.49 18.44
N GLU B 28 -11.53 -10.10 19.25
CA GLU B 28 -12.92 -10.38 18.89
C GLU B 28 -13.83 -9.17 19.11
N SER B 29 -13.40 -8.22 19.96
CA SER B 29 -14.10 -6.96 20.17
C SER B 29 -13.63 -5.88 19.18
N ALA B 30 -12.76 -6.28 18.23
CA ALA B 30 -12.28 -5.39 17.18
C ALA B 30 -13.44 -4.94 16.29
N MET B 31 -13.45 -3.63 15.97
CA MET B 31 -14.48 -3.00 15.15
C MET B 31 -13.86 -2.60 13.82
N SER B 32 -14.68 -2.56 12.76
CA SER B 32 -14.26 -2.04 11.48
C SER B 32 -15.20 -0.92 11.03
N LEU B 33 -14.73 -0.05 10.13
CA LEU B 33 -15.64 0.74 9.30
C LEU B 33 -15.45 0.32 7.85
N ILE B 34 -16.54 -0.04 7.17
CA ILE B 34 -16.43 -0.72 5.88
C ILE B 34 -17.39 -0.11 4.87
N ASP B 35 -16.84 0.40 3.76
CA ASP B 35 -17.67 0.93 2.70
C ASP B 35 -18.17 -0.22 1.83
N PHE B 36 -19.50 -0.38 1.83
CA PHE B 36 -20.16 -1.41 1.05
C PHE B 36 -20.95 -0.78 -0.09
N GLY B 37 -20.29 0.08 -0.87
CA GLY B 37 -20.95 0.83 -1.93
C GLY B 37 -22.40 1.20 -1.59
N SER B 38 -23.34 0.61 -2.34
CA SER B 38 -24.71 1.10 -2.35
C SER B 38 -25.37 0.90 -0.99
N ALA B 39 -24.78 0.07 -0.13
CA ALA B 39 -25.31 -0.10 1.21
C ALA B 39 -24.61 0.84 2.19
N GLY B 40 -23.59 1.58 1.73
CA GLY B 40 -22.94 2.62 2.52
C GLY B 40 -21.81 2.10 3.41
N ARG B 41 -21.35 2.97 4.31
CA ARG B 41 -20.31 2.63 5.27
C ARG B 41 -20.96 2.07 6.54
N VAL B 42 -20.45 0.93 7.02
CA VAL B 42 -21.04 0.25 8.16
C VAL B 42 -19.95 0.02 9.19
N LYS B 43 -20.28 0.35 10.46
CA LYS B 43 -19.41 0.13 11.59
C LYS B 43 -19.86 -1.11 12.35
N LEU B 44 -18.96 -2.07 12.55
CA LEU B 44 -19.33 -3.38 13.08
C LEU B 44 -18.14 -4.05 13.75
N MET B 45 -18.43 -4.92 14.73
CA MET B 45 -17.48 -5.89 15.26
C MET B 45 -17.37 -7.08 14.31
N HIS B 46 -16.21 -7.27 13.70
CA HIS B 46 -16.11 -8.13 12.51
C HIS B 46 -15.94 -9.60 12.84
N ASN B 47 -15.63 -9.95 14.10
CA ASN B 47 -15.53 -11.34 14.51
C ASN B 47 -16.90 -11.85 14.95
N HIS B 48 -17.92 -11.02 14.77
CA HIS B 48 -19.30 -11.36 15.08
C HIS B 48 -20.17 -11.02 13.88
N ALA B 49 -19.59 -10.98 12.69
CA ALA B 49 -20.36 -10.55 11.54
C ALA B 49 -20.13 -11.51 10.40
N PRO B 50 -21.18 -11.81 9.60
CA PRO B 50 -21.12 -12.85 8.57
C PRO B 50 -20.27 -12.36 7.41
N LEU B 51 -18.94 -12.48 7.62
CA LEU B 51 -17.92 -11.82 6.85
C LEU B 51 -16.89 -12.84 6.38
N GLN B 52 -16.30 -12.60 5.22
CA GLN B 52 -15.13 -13.34 4.75
C GLN B 52 -14.08 -12.35 4.30
N LYS B 53 -12.82 -12.59 4.68
CA LYS B 53 -11.69 -11.83 4.17
C LYS B 53 -11.26 -12.41 2.83
N LEU B 54 -10.91 -11.52 1.89
CA LEU B 54 -10.35 -11.92 0.61
C LEU B 54 -8.81 -12.00 0.70
N SER C 1 3.98 9.10 -4.60
CA SER C 1 2.67 9.38 -3.93
C SER C 1 1.75 8.18 -4.08
N MET C 2 1.72 7.59 -5.28
CA MET C 2 0.86 6.45 -5.57
C MET C 2 1.70 5.38 -6.24
N VAL C 3 1.55 4.13 -5.79
CA VAL C 3 2.28 3.02 -6.37
C VAL C 3 1.32 2.15 -7.21
N LEU C 4 1.76 1.81 -8.45
CA LEU C 4 0.92 1.19 -9.45
C LEU C 4 1.65 0.02 -10.09
N GLN C 5 0.85 -0.94 -10.55
CA GLN C 5 1.36 -2.09 -11.27
C GLN C 5 0.42 -2.45 -12.40
N PRO C 6 0.97 -3.16 -13.41
CA PRO C 6 0.15 -3.68 -14.51
C PRO C 6 -1.05 -4.46 -13.96
N GLY C 7 -2.24 -4.17 -14.51
CA GLY C 7 -3.48 -4.80 -14.09
C GLY C 7 -4.29 -3.90 -13.17
N ASP C 8 -3.61 -3.06 -12.38
CA ASP C 8 -4.30 -2.16 -11.46
C ASP C 8 -5.31 -1.28 -12.20
N ARG C 9 -6.29 -0.79 -11.43
CA ARG C 9 -7.39 -0.04 -11.99
C ARG C 9 -7.41 1.35 -11.34
N VAL C 10 -7.65 2.37 -12.18
CA VAL C 10 -7.54 3.75 -11.77
C VAL C 10 -8.69 4.53 -12.38
N THR C 11 -8.94 5.71 -11.79
CA THR C 11 -9.88 6.65 -12.37
C THR C 11 -9.20 8.01 -12.48
N HIS C 12 -9.22 8.55 -13.71
CA HIS C 12 -8.77 9.89 -14.00
C HIS C 12 -9.98 10.83 -13.91
N ASP C 13 -9.73 12.11 -13.66
CA ASP C 13 -10.80 13.09 -13.54
C ASP C 13 -11.35 13.43 -14.91
N LYS C 14 -10.54 13.27 -15.95
CA LYS C 14 -10.94 13.63 -17.29
C LYS C 14 -11.24 12.37 -18.10
N TYR C 15 -10.34 11.37 -18.07
CA TYR C 15 -10.37 10.27 -19.01
C TYR C 15 -11.20 9.10 -18.46
N GLY C 16 -11.45 9.10 -17.14
CA GLY C 16 -12.35 8.13 -16.54
C GLY C 16 -11.61 6.89 -16.07
N LEU C 17 -12.27 5.73 -16.14
CA LEU C 17 -11.72 4.48 -15.63
C LEU C 17 -10.68 3.93 -16.59
N GLY C 18 -9.61 3.38 -16.01
CA GLY C 18 -8.48 2.90 -16.79
C GLY C 18 -7.81 1.71 -16.13
N ARG C 19 -7.19 0.87 -16.98
CA ARG C 19 -6.39 -0.27 -16.57
C ARG C 19 -4.93 0.00 -16.93
N VAL C 20 -4.03 -0.27 -15.99
CA VAL C 20 -2.61 -0.03 -16.17
C VAL C 20 -2.02 -1.17 -17.00
N GLU C 21 -1.23 -0.85 -18.03
CA GLU C 21 -0.63 -1.87 -18.87
C GLU C 21 0.87 -1.96 -18.61
N GLU C 22 1.49 -0.80 -18.39
CA GLU C 22 2.93 -0.73 -18.20
C GLU C 22 3.23 0.30 -17.13
N VAL C 23 4.36 0.10 -16.45
CA VAL C 23 4.85 1.07 -15.50
C VAL C 23 6.35 1.19 -15.68
N ALA C 24 6.84 2.42 -15.76
CA ALA C 24 8.24 2.68 -16.02
C ALA C 24 8.73 3.79 -15.12
N GLY C 25 10.01 3.71 -14.75
CA GLY C 25 10.65 4.73 -13.92
C GLY C 25 10.23 4.60 -12.46
N THR C 26 10.65 5.60 -11.68
CA THR C 26 10.54 5.61 -10.24
C THR C 26 10.43 7.04 -9.74
N GLY C 27 9.97 7.19 -8.51
CA GLY C 27 9.81 8.51 -7.92
C GLY C 27 8.64 9.22 -8.59
N GLU C 28 8.71 10.56 -8.61
CA GLU C 28 7.59 11.39 -8.99
C GLU C 28 7.34 11.25 -10.49
N SER C 29 8.44 11.08 -11.22
CA SER C 29 8.44 11.05 -12.67
C SER C 29 8.08 9.66 -13.18
N ALA C 30 7.83 8.72 -12.27
CA ALA C 30 7.43 7.39 -12.69
C ALA C 30 6.24 7.52 -13.64
N MET C 31 6.26 6.74 -14.72
CA MET C 31 5.31 6.85 -15.80
C MET C 31 4.42 5.60 -15.79
N SER C 32 3.23 5.70 -16.38
CA SER C 32 2.34 4.57 -16.50
C SER C 32 1.62 4.66 -17.83
N LEU C 33 1.62 3.55 -18.59
CA LEU C 33 0.80 3.43 -19.78
C LEU C 33 -0.55 2.86 -19.35
N ILE C 34 -1.63 3.59 -19.66
CA ILE C 34 -2.95 3.25 -19.16
C ILE C 34 -3.90 3.16 -20.34
N ASP C 35 -4.86 2.23 -20.24
CA ASP C 35 -5.89 2.10 -21.26
C ASP C 35 -7.22 2.57 -20.71
N PHE C 36 -7.81 3.55 -21.39
CA PHE C 36 -9.05 4.17 -20.92
C PHE C 36 -10.20 3.80 -21.84
N GLY C 37 -10.09 2.63 -22.48
CA GLY C 37 -11.13 2.14 -23.36
C GLY C 37 -11.32 3.08 -24.55
N SER C 38 -12.54 3.62 -24.67
CA SER C 38 -12.94 4.46 -25.79
C SER C 38 -12.24 5.81 -25.72
N ALA C 39 -11.65 6.14 -24.55
CA ALA C 39 -10.84 7.34 -24.40
C ALA C 39 -9.41 7.09 -24.91
N GLY C 40 -8.99 5.82 -24.95
CA GLY C 40 -7.74 5.44 -25.59
C GLY C 40 -6.59 5.25 -24.61
N ARG C 41 -5.38 5.05 -25.17
CA ARG C 41 -4.21 4.74 -24.36
C ARG C 41 -3.38 5.99 -24.09
N VAL C 42 -3.29 6.37 -22.81
CA VAL C 42 -2.54 7.54 -22.41
C VAL C 42 -1.34 7.09 -21.58
N LYS C 43 -0.14 7.57 -21.96
CA LYS C 43 1.03 7.51 -21.09
C LYS C 43 1.09 8.83 -20.32
N LEU C 44 1.44 8.75 -19.02
CA LEU C 44 1.41 9.90 -18.13
C LEU C 44 2.18 9.60 -16.84
N MET C 45 2.34 10.62 -15.98
CA MET C 45 3.11 10.52 -14.75
C MET C 45 2.19 10.50 -13.54
N HIS C 46 1.97 9.30 -12.98
CA HIS C 46 0.82 9.01 -12.14
C HIS C 46 0.88 9.75 -10.81
N ASN C 47 2.08 10.03 -10.28
CA ASN C 47 2.17 10.75 -9.03
C ASN C 47 1.81 12.23 -9.22
N HIS C 48 1.71 12.69 -10.47
CA HIS C 48 1.42 14.09 -10.78
C HIS C 48 0.36 14.19 -11.87
N ALA C 49 -0.76 13.49 -11.64
CA ALA C 49 -1.93 13.53 -12.50
C ALA C 49 -3.16 13.65 -11.61
N PRO C 50 -4.37 13.89 -12.15
CA PRO C 50 -5.60 13.73 -11.37
C PRO C 50 -6.15 12.31 -11.39
N LEU C 51 -5.43 11.39 -10.74
CA LEU C 51 -5.73 9.97 -10.74
C LEU C 51 -6.13 9.52 -9.34
N GLN C 52 -6.96 8.48 -9.27
CA GLN C 52 -7.08 7.72 -8.03
C GLN C 52 -6.91 6.25 -8.36
N LYS C 53 -6.20 5.56 -7.47
CA LYS C 53 -6.07 4.11 -7.54
C LYS C 53 -7.32 3.52 -6.90
N LEU C 54 -7.97 2.58 -7.61
CA LEU C 54 -9.11 1.90 -7.08
C LEU C 54 -8.61 0.68 -6.28
N MET D 2 14.73 0.74 26.43
CA MET D 2 15.18 -0.06 25.25
C MET D 2 15.94 0.84 24.29
N VAL D 3 17.20 0.48 23.99
CA VAL D 3 18.01 1.23 23.03
C VAL D 3 18.26 0.34 21.82
N LEU D 4 17.86 0.86 20.64
CA LEU D 4 17.96 0.11 19.40
C LEU D 4 18.99 0.73 18.49
N GLN D 5 19.33 -0.02 17.45
CA GLN D 5 20.24 0.44 16.43
C GLN D 5 19.90 -0.27 15.13
N PRO D 6 20.23 0.32 13.97
CA PRO D 6 20.08 -0.37 12.68
C PRO D 6 20.60 -1.80 12.71
N GLY D 7 19.90 -2.72 12.05
CA GLY D 7 20.40 -4.08 11.92
C GLY D 7 19.84 -5.02 12.98
N ASP D 8 19.53 -4.49 14.18
CA ASP D 8 18.91 -5.25 15.25
C ASP D 8 17.61 -5.92 14.81
N ARG D 9 17.40 -7.10 15.39
CA ARG D 9 16.19 -7.91 15.23
C ARG D 9 15.29 -7.74 16.45
N VAL D 10 13.98 -7.84 16.22
CA VAL D 10 12.98 -7.64 17.26
C VAL D 10 11.75 -8.52 17.05
N THR D 11 11.02 -8.77 18.15
CA THR D 11 9.70 -9.39 18.09
C THR D 11 8.68 -8.38 18.65
N HIS D 12 7.59 -8.20 17.89
CA HIS D 12 6.48 -7.36 18.30
C HIS D 12 5.31 -8.29 18.60
N ASP D 13 4.47 -7.90 19.57
CA ASP D 13 3.37 -8.76 20.00
C ASP D 13 2.43 -9.03 18.84
N LYS D 14 2.11 -8.00 18.06
CA LYS D 14 1.19 -8.13 16.94
C LYS D 14 1.91 -8.51 15.65
N TYR D 15 2.97 -7.75 15.33
CA TYR D 15 3.48 -7.74 13.98
C TYR D 15 4.59 -8.77 13.82
N GLY D 16 5.01 -9.36 14.94
CA GLY D 16 5.99 -10.44 14.89
C GLY D 16 7.41 -9.92 14.70
N LEU D 17 8.19 -10.66 13.88
CA LEU D 17 9.61 -10.41 13.69
C LEU D 17 9.83 -9.20 12.79
N GLY D 18 10.89 -8.43 13.08
CA GLY D 18 11.26 -7.30 12.23
C GLY D 18 12.74 -6.96 12.39
N ARG D 19 13.31 -6.33 11.36
CA ARG D 19 14.67 -5.81 11.43
C ARG D 19 14.61 -4.29 11.51
N VAL D 20 15.37 -3.69 12.46
CA VAL D 20 15.46 -2.24 12.58
C VAL D 20 16.31 -1.70 11.43
N GLU D 21 15.81 -0.68 10.72
CA GLU D 21 16.49 -0.16 9.54
C GLU D 21 16.99 1.27 9.77
N GLU D 22 16.31 2.03 10.63
CA GLU D 22 16.71 3.37 11.02
C GLU D 22 16.34 3.60 12.49
N VAL D 23 16.96 4.61 13.12
CA VAL D 23 16.67 4.96 14.51
C VAL D 23 16.89 6.46 14.70
N ALA D 24 15.85 7.19 15.07
CA ALA D 24 15.95 8.63 15.24
C ALA D 24 15.58 9.02 16.65
N GLY D 25 16.39 9.91 17.26
CA GLY D 25 16.03 10.49 18.55
C GLY D 25 16.62 9.70 19.71
N THR D 26 16.19 10.06 20.93
CA THR D 26 16.83 9.61 22.16
C THR D 26 15.76 9.38 23.22
N GLY D 27 16.03 8.42 24.11
CA GLY D 27 15.15 8.13 25.23
C GLY D 27 13.84 7.48 24.75
N GLU D 28 12.72 7.90 25.38
CA GLU D 28 11.42 7.34 25.07
C GLU D 28 10.85 7.93 23.78
N SER D 29 11.14 9.20 23.48
CA SER D 29 10.65 9.84 22.26
C SER D 29 11.31 9.23 21.02
N ALA D 30 12.33 8.39 21.23
CA ALA D 30 13.07 7.80 20.12
C ALA D 30 12.14 6.99 19.21
N MET D 31 12.32 7.15 17.90
CA MET D 31 11.50 6.46 16.92
C MET D 31 12.36 5.46 16.15
N SER D 32 11.70 4.45 15.60
CA SER D 32 12.40 3.44 14.82
C SER D 32 11.65 3.21 13.51
N LEU D 33 12.40 2.96 12.44
CA LEU D 33 11.82 2.38 11.24
C LEU D 33 12.15 0.89 11.21
N ILE D 34 11.12 0.02 11.28
CA ILE D 34 11.31 -1.42 11.33
C ILE D 34 10.56 -2.10 10.17
N ASP D 35 11.18 -3.12 9.56
CA ASP D 35 10.55 -3.92 8.51
C ASP D 35 9.96 -5.18 9.12
N PHE D 36 8.63 -5.33 8.98
CA PHE D 36 7.90 -6.47 9.51
C PHE D 36 7.31 -7.33 8.40
N GLY D 37 7.34 -6.87 7.14
CA GLY D 37 6.96 -7.72 6.03
C GLY D 37 5.45 -7.78 5.80
N SER D 38 4.73 -8.59 6.59
CA SER D 38 3.28 -8.75 6.43
C SER D 38 2.54 -7.60 7.11
N ALA D 39 3.21 -6.93 8.06
CA ALA D 39 2.72 -5.69 8.62
C ALA D 39 3.48 -4.48 8.05
N GLY D 40 4.51 -4.71 7.21
CA GLY D 40 5.17 -3.68 6.42
C GLY D 40 6.34 -2.99 7.13
N ARG D 41 6.81 -1.89 6.52
CA ARG D 41 7.73 -0.95 7.15
C ARG D 41 6.97 -0.05 8.12
N VAL D 42 7.16 -0.27 9.42
CA VAL D 42 6.41 0.47 10.41
C VAL D 42 7.33 1.45 11.14
N LYS D 43 6.99 2.74 11.09
CA LYS D 43 7.72 3.71 11.88
C LYS D 43 6.96 3.84 13.19
N LEU D 44 7.66 3.75 14.32
CA LEU D 44 7.01 3.81 15.62
C LEU D 44 7.97 4.26 16.71
N MET D 45 7.41 4.44 17.89
CA MET D 45 8.14 4.84 19.09
C MET D 45 8.31 3.60 19.97
N HIS D 46 9.52 3.06 19.99
CA HIS D 46 9.74 1.68 20.38
C HIS D 46 9.58 1.47 21.89
N ASN D 47 9.99 2.48 22.70
CA ASN D 47 9.85 2.39 24.15
C ASN D 47 8.38 2.40 24.55
N HIS D 48 7.49 2.83 23.63
CA HIS D 48 6.06 2.78 23.86
C HIS D 48 5.39 1.75 22.95
N ALA D 49 5.95 0.52 22.86
CA ALA D 49 5.38 -0.50 21.99
C ALA D 49 5.85 -1.90 22.42
N PRO D 50 5.02 -2.96 22.23
CA PRO D 50 5.23 -4.25 22.90
C PRO D 50 6.34 -5.08 22.25
N LEU D 51 7.56 -4.56 22.33
CA LEU D 51 8.70 -5.08 21.61
C LEU D 51 9.61 -5.81 22.57
N GLN D 52 10.47 -6.66 21.99
CA GLN D 52 11.55 -7.30 22.71
C GLN D 52 12.73 -7.40 21.75
N LYS D 53 13.87 -6.89 22.19
CA LYS D 53 15.09 -7.02 21.44
C LYS D 53 15.51 -8.49 21.49
N LEU D 54 15.84 -9.06 20.33
CA LEU D 54 16.34 -10.42 20.26
C LEU D 54 17.86 -10.40 20.45
N MET E 2 3.64 -18.63 -22.06
CA MET E 2 5.02 -18.08 -21.93
C MET E 2 5.38 -17.92 -20.45
N VAL E 3 6.63 -18.28 -20.14
CA VAL E 3 7.16 -18.19 -18.79
C VAL E 3 8.51 -17.48 -18.87
N LEU E 4 8.69 -16.49 -18.00
CA LEU E 4 9.93 -15.76 -17.87
C LEU E 4 10.47 -15.93 -16.45
N GLN E 5 11.80 -15.94 -16.37
CA GLN E 5 12.48 -16.01 -15.10
C GLN E 5 13.52 -14.91 -15.07
N PRO E 6 13.89 -14.37 -13.88
CA PRO E 6 15.02 -13.46 -13.79
C PRO E 6 16.15 -13.94 -14.70
N GLY E 7 16.83 -13.01 -15.38
CA GLY E 7 18.01 -13.34 -16.15
C GLY E 7 17.71 -13.63 -17.62
N ASP E 8 16.48 -14.04 -17.93
CA ASP E 8 16.11 -14.31 -19.31
C ASP E 8 16.25 -13.02 -20.11
N ARG E 9 16.64 -13.18 -21.38
CA ARG E 9 16.73 -12.08 -22.32
C ARG E 9 15.50 -12.14 -23.23
N VAL E 10 14.99 -10.96 -23.60
CA VAL E 10 13.72 -10.83 -24.31
C VAL E 10 13.81 -9.66 -25.27
N THR E 11 12.95 -9.69 -26.30
CA THR E 11 12.88 -8.64 -27.31
C THR E 11 11.43 -8.16 -27.46
N HIS E 12 11.25 -6.84 -27.27
CA HIS E 12 9.99 -6.13 -27.45
C HIS E 12 10.04 -5.37 -28.77
N ASP E 13 8.91 -5.33 -29.51
CA ASP E 13 8.87 -4.70 -30.82
C ASP E 13 9.20 -3.21 -30.74
N LYS E 14 8.77 -2.56 -29.66
CA LYS E 14 9.16 -1.19 -29.38
C LYS E 14 10.54 -1.17 -28.73
N TYR E 15 10.63 -1.67 -27.47
CA TYR E 15 11.70 -1.32 -26.53
C TYR E 15 12.99 -2.10 -26.76
N GLY E 16 13.00 -3.00 -27.74
CA GLY E 16 14.21 -3.74 -28.09
C GLY E 16 14.60 -4.75 -27.02
N LEU E 17 15.91 -5.00 -26.90
CA LEU E 17 16.44 -6.03 -26.03
C LEU E 17 16.31 -5.59 -24.56
N GLY E 18 16.01 -6.57 -23.70
CA GLY E 18 15.87 -6.32 -22.29
C GLY E 18 16.32 -7.53 -21.48
N ARG E 19 16.64 -7.28 -20.20
CA ARG E 19 17.04 -8.33 -19.28
C ARG E 19 16.02 -8.38 -18.16
N VAL E 20 15.39 -9.55 -17.95
CA VAL E 20 14.39 -9.67 -16.90
C VAL E 20 15.08 -9.63 -15.54
N GLU E 21 14.57 -8.76 -14.67
CA GLU E 21 15.11 -8.57 -13.33
C GLU E 21 14.23 -9.22 -12.27
N GLU E 22 12.91 -9.15 -12.44
CA GLU E 22 11.96 -9.76 -11.51
C GLU E 22 10.78 -10.38 -12.26
N VAL E 23 10.01 -11.21 -11.55
CA VAL E 23 8.77 -11.78 -12.09
C VAL E 23 7.79 -12.04 -10.94
N ALA E 24 6.50 -11.80 -11.17
CA ALA E 24 5.50 -12.10 -10.16
C ALA E 24 4.19 -12.54 -10.81
N GLY E 25 3.39 -13.28 -10.04
CA GLY E 25 2.14 -13.83 -10.53
C GLY E 25 2.40 -15.01 -11.46
N THR E 26 1.32 -15.58 -12.00
CA THR E 26 1.38 -16.81 -12.80
C THR E 26 0.38 -16.71 -13.96
N GLY E 27 0.71 -17.45 -15.03
CA GLY E 27 -0.17 -17.55 -16.18
C GLY E 27 -0.08 -16.28 -17.04
N GLU E 28 -1.24 -15.82 -17.52
CA GLU E 28 -1.30 -14.66 -18.41
C GLU E 28 -0.98 -13.40 -17.61
N SER E 29 -1.53 -13.31 -16.41
CA SER E 29 -1.40 -12.14 -15.54
C SER E 29 0.00 -12.03 -14.96
N ALA E 30 0.93 -12.87 -15.42
CA ALA E 30 2.29 -12.80 -14.93
C ALA E 30 2.93 -11.48 -15.36
N MET E 31 3.63 -10.82 -14.42
CA MET E 31 4.26 -9.53 -14.68
C MET E 31 5.77 -9.64 -14.56
N SER E 32 6.48 -8.85 -15.38
CA SER E 32 7.93 -8.85 -15.43
C SER E 32 8.45 -7.42 -15.41
N LEU E 33 9.60 -7.22 -14.74
CA LEU E 33 10.31 -5.96 -14.69
C LEU E 33 11.56 -6.08 -15.56
N ILE E 34 11.51 -5.49 -16.76
CA ILE E 34 12.57 -5.69 -17.74
C ILE E 34 13.31 -4.37 -17.91
N ASP E 35 14.62 -4.40 -17.64
CA ASP E 35 15.49 -3.29 -17.98
C ASP E 35 15.87 -3.44 -19.44
N PHE E 36 15.48 -2.43 -20.24
CA PHE E 36 15.70 -2.35 -21.67
C PHE E 36 16.80 -1.33 -22.00
N GLY E 37 17.54 -0.90 -20.97
CA GLY E 37 18.72 -0.08 -21.15
C GLY E 37 18.37 1.36 -21.47
N SER E 38 18.69 1.80 -22.69
CA SER E 38 18.32 3.13 -23.16
C SER E 38 16.87 3.43 -22.78
N ALA E 39 16.00 2.45 -23.05
CA ALA E 39 14.57 2.56 -22.84
C ALA E 39 14.19 2.66 -21.36
N GLY E 40 15.00 2.09 -20.46
CA GLY E 40 14.72 2.15 -19.03
C GLY E 40 14.12 0.83 -18.53
N ARG E 41 13.70 0.82 -17.26
CA ARG E 41 13.12 -0.36 -16.62
C ARG E 41 11.59 -0.27 -16.68
N VAL E 42 10.97 -1.24 -17.36
CA VAL E 42 9.53 -1.25 -17.56
C VAL E 42 8.92 -2.45 -16.87
N LYS E 43 7.83 -2.25 -16.12
CA LYS E 43 7.07 -3.37 -15.56
C LYS E 43 5.88 -3.65 -16.45
N LEU E 44 5.85 -4.87 -17.00
CA LEU E 44 4.92 -5.24 -18.04
C LEU E 44 4.05 -6.40 -17.60
N MET E 45 3.17 -6.80 -18.52
CA MET E 45 2.53 -8.10 -18.47
C MET E 45 2.92 -8.80 -19.77
N HIS E 46 3.93 -9.67 -19.69
CA HIS E 46 4.61 -10.17 -20.87
C HIS E 46 3.68 -10.94 -21.83
N ASN E 47 2.62 -11.59 -21.33
CA ASN E 47 1.75 -12.39 -22.18
C ASN E 47 0.91 -11.48 -23.06
N HIS E 48 0.71 -10.23 -22.60
CA HIS E 48 -0.05 -9.23 -23.34
C HIS E 48 0.91 -8.14 -23.84
N ALA E 49 2.02 -8.56 -24.47
CA ALA E 49 2.97 -7.61 -25.03
C ALA E 49 3.72 -8.24 -26.21
N PRO E 50 4.29 -7.43 -27.14
CA PRO E 50 4.96 -7.98 -28.32
C PRO E 50 6.38 -8.45 -28.03
N LEU E 51 6.47 -9.50 -27.19
CA LEU E 51 7.74 -9.99 -26.68
C LEU E 51 8.05 -11.33 -27.32
N GLN E 52 9.34 -11.61 -27.45
CA GLN E 52 9.82 -12.95 -27.73
C GLN E 52 10.92 -13.26 -26.73
N LYS E 53 10.89 -14.48 -26.17
CA LYS E 53 11.92 -14.96 -25.26
C LYS E 53 13.09 -15.46 -26.11
N LEU E 54 14.31 -15.16 -25.66
CA LEU E 54 15.53 -15.63 -26.30
C LEU E 54 16.07 -16.88 -25.58
#